data_8CK0
#
_entry.id   8CK0
#
_cell.length_a   1.00
_cell.length_b   1.00
_cell.length_c   1.00
_cell.angle_alpha   90.00
_cell.angle_beta   90.00
_cell.angle_gamma   90.00
#
_symmetry.space_group_name_H-M   'P 1'
#
_entity_poly.entity_id   1
_entity_poly.type   'polypeptide(L)'
_entity_poly.pdbx_seq_one_letter_code
;MKVETKRQRYNKRLHALKTERSSWEGSWRDISDHIQPWRSRFCMSDSNKGNRHNKALVDDTPFKASRTLASGMMSGLTSP
ARPWFKLAIDNPELMESAAVKQWLYLVTQRMQSVMSKSNLYNQLHQLYGELGTFGTSCILIVEDKEDVIRAIPMTVGTYY
LATSSRGMVDTIYREMRKTVRQLVQEFGLKNCSNSVQTMYDNDNLEAWVEVVHLIEPNDERNEGKLDSKNKPYRSVYYES
GCTEDKLLRESGFDEFPGVAPRWEVLGDDVYGYGPGHAALGPSRSLQVMQKKKAQAVEKQINPPMNVPSSSKSKPFSLLP
GSLNYYDAAMGGQQMAQPSQSVNLNLNSIMEDIVAHQTSIKETFYADLFMMIANDQRSNITAREIQERHEEKLLALGPVV
ERLDTEALDPMIDRVFGIMMRGGHLPPPPEEIQGVDLNVQYISVMAQAQKLVGIGAIERITSFVGNLAGADPSALDKLNI
DQAIDQYSNSVSAPPDIIRTDDEVAEIRQARAQQQQQAQAMEMAQQAAQGAKLLSETDAGTGQNGLSAMMQQMGLA
;
_entity_poly.pdbx_strand_id   A
#
# COMPACT_ATOMS: atom_id res chain seq x y z
N GLU A 4 33.36 11.64 -20.27
CA GLU A 4 32.14 10.85 -20.15
C GLU A 4 30.93 11.75 -19.90
N THR A 5 29.85 11.47 -20.61
CA THR A 5 28.62 12.24 -20.47
C THR A 5 27.76 11.67 -19.34
N LYS A 6 26.66 12.37 -19.06
CA LYS A 6 25.75 11.92 -18.01
C LYS A 6 25.05 10.63 -18.40
N ARG A 7 24.70 10.49 -19.68
CA ARG A 7 23.95 9.31 -20.13
C ARG A 7 24.75 8.04 -19.91
N GLN A 8 26.06 8.09 -20.16
CA GLN A 8 26.89 6.92 -19.91
C GLN A 8 26.90 6.56 -18.43
N ARG A 9 26.97 7.56 -17.56
CA ARG A 9 26.93 7.30 -16.12
C ARG A 9 25.61 6.64 -15.73
N TYR A 10 24.50 7.17 -16.25
CA TYR A 10 23.20 6.59 -15.92
C TYR A 10 23.09 5.16 -16.42
N ASN A 11 23.56 4.90 -17.64
CA ASN A 11 23.51 3.54 -18.17
C ASN A 11 24.38 2.59 -17.37
N LYS A 12 25.56 3.04 -16.96
CA LYS A 12 26.43 2.20 -16.16
C LYS A 12 25.78 1.85 -14.83
N ARG A 13 25.19 2.85 -14.17
CA ARG A 13 24.54 2.57 -12.90
C ARG A 13 23.33 1.66 -13.09
N LEU A 14 22.60 1.83 -14.18
CA LEU A 14 21.47 0.95 -14.46
C LEU A 14 21.93 -0.49 -14.64
N HIS A 15 23.02 -0.68 -15.38
CA HIS A 15 23.54 -2.03 -15.58
C HIS A 15 24.00 -2.63 -14.25
N ALA A 16 24.66 -1.83 -13.41
CA ALA A 16 25.08 -2.32 -12.11
C ALA A 16 23.88 -2.73 -11.26
N LEU A 17 22.84 -1.91 -11.26
CA LEU A 17 21.63 -2.26 -10.51
C LEU A 17 21.00 -3.52 -11.05
N LYS A 18 21.01 -3.70 -12.37
CA LYS A 18 20.42 -4.90 -12.96
C LYS A 18 21.18 -6.15 -12.54
N THR A 19 22.51 -6.12 -12.64
CA THR A 19 23.27 -7.31 -12.27
C THR A 19 23.21 -7.55 -10.78
N GLU A 20 22.95 -6.50 -9.99
CA GLU A 20 22.74 -6.71 -8.56
C GLU A 20 21.38 -7.37 -8.32
N ARG A 21 20.35 -6.93 -9.02
CA ARG A 21 19.00 -7.43 -8.78
C ARG A 21 18.73 -8.77 -9.44
N SER A 22 19.66 -9.25 -10.27
CA SER A 22 19.44 -10.51 -10.97
C SER A 22 19.13 -11.67 -10.01
N SER A 23 19.63 -11.61 -8.78
CA SER A 23 19.51 -12.76 -7.89
C SER A 23 18.11 -12.92 -7.30
N TRP A 24 17.27 -11.89 -7.37
CA TRP A 24 15.95 -11.96 -6.76
C TRP A 24 14.84 -12.32 -7.74
N GLU A 25 15.13 -12.27 -9.04
CA GLU A 25 14.08 -12.40 -10.04
C GLU A 25 13.47 -13.80 -10.04
N GLY A 26 14.25 -14.84 -9.76
CA GLY A 26 13.69 -16.18 -9.74
C GLY A 26 12.65 -16.34 -8.64
N SER A 27 12.98 -15.87 -7.43
CA SER A 27 12.02 -15.93 -6.34
C SER A 27 10.81 -15.07 -6.62
N TRP A 28 11.02 -13.87 -7.19
CA TRP A 28 9.89 -13.01 -7.51
C TRP A 28 8.97 -13.66 -8.54
N ARG A 29 9.56 -14.30 -9.57
CA ARG A 29 8.76 -14.98 -10.58
C ARG A 29 7.98 -16.14 -9.98
N ASP A 30 8.62 -16.90 -9.08
CA ASP A 30 7.91 -17.99 -8.42
C ASP A 30 6.75 -17.47 -7.59
N ILE A 31 6.97 -16.37 -6.85
CA ILE A 31 5.91 -15.78 -6.06
C ILE A 31 4.75 -15.36 -6.94
N SER A 32 5.07 -14.69 -8.06
CA SER A 32 4.02 -14.25 -8.98
C SER A 32 3.26 -15.44 -9.55
N ASP A 33 3.97 -16.51 -9.92
CA ASP A 33 3.32 -17.67 -10.51
C ASP A 33 2.41 -18.36 -9.51
N HIS A 34 2.82 -18.44 -8.26
CA HIS A 34 2.10 -19.26 -7.29
C HIS A 34 1.33 -18.45 -6.24
N ILE A 35 1.39 -17.12 -6.28
CA ILE A 35 0.60 -16.33 -5.34
C ILE A 35 -0.23 -15.28 -6.07
N GLN A 36 0.45 -14.43 -6.86
CA GLN A 36 -0.26 -13.35 -7.59
C GLN A 36 0.29 -13.27 -9.02
N PRO A 37 -0.30 -13.98 -10.01
CA PRO A 37 0.23 -14.00 -11.38
C PRO A 37 -0.25 -12.81 -12.22
N TRP A 38 -0.86 -11.81 -11.59
CA TRP A 38 -1.27 -10.59 -12.34
C TRP A 38 -0.46 -9.37 -11.86
N ARG A 39 0.53 -9.58 -11.01
CA ARG A 39 1.29 -8.44 -10.43
C ARG A 39 2.61 -8.23 -11.19
N SER A 40 3.63 -9.05 -10.89
CA SER A 40 4.98 -8.84 -11.50
C SER A 40 4.93 -8.94 -13.02
N ARG A 41 5.69 -8.07 -13.72
CA ARG A 41 5.77 -8.13 -15.20
C ARG A 41 7.23 -7.88 -15.63
N PHE A 42 8.13 -8.82 -15.31
CA PHE A 42 9.57 -8.66 -15.62
C PHE A 42 9.74 -8.47 -17.13
N CYS A 43 9.00 -9.25 -17.93
CA CYS A 43 9.07 -9.12 -19.41
C CYS A 43 8.65 -7.70 -19.81
N MET A 44 9.45 -7.03 -20.63
CA MET A 44 9.13 -5.64 -21.04
C MET A 44 8.06 -5.66 -22.14
N SER A 45 8.34 -6.32 -23.27
CA SER A 45 7.39 -6.32 -24.37
C SER A 45 6.00 -6.77 -23.93
N ASP A 46 5.90 -7.42 -22.77
CA ASP A 46 4.60 -7.85 -22.24
C ASP A 46 3.69 -6.67 -21.92
N SER A 47 4.23 -5.46 -21.83
CA SER A 47 3.45 -4.28 -21.48
C SER A 47 2.19 -4.16 -22.32
N ASN A 48 1.04 -4.22 -21.66
CA ASN A 48 -0.30 -4.10 -22.21
C ASN A 48 -0.73 -5.32 -23.01
N LYS A 49 0.14 -6.31 -23.20
CA LYS A 49 -0.25 -7.57 -23.81
C LYS A 49 -1.00 -8.38 -22.78
N GLY A 50 -2.32 -8.30 -22.79
CA GLY A 50 -3.07 -8.98 -21.74
C GLY A 50 -3.46 -10.40 -22.09
N ASN A 51 -2.60 -11.35 -21.70
CA ASN A 51 -2.98 -12.76 -21.66
C ASN A 51 -2.92 -13.31 -20.24
N ARG A 52 -1.74 -13.24 -19.61
CA ARG A 52 -1.51 -13.53 -18.20
C ARG A 52 -2.39 -14.66 -17.67
N HIS A 53 -2.45 -15.77 -18.39
CA HIS A 53 -3.30 -16.88 -17.96
C HIS A 53 -2.81 -17.42 -16.63
N ASN A 54 -3.75 -17.83 -15.79
CA ASN A 54 -3.41 -18.50 -14.54
C ASN A 54 -2.59 -19.74 -14.88
N LYS A 55 -1.31 -19.73 -14.54
CA LYS A 55 -0.36 -20.71 -15.07
C LYS A 55 -0.06 -21.86 -14.11
N ALA A 56 -0.13 -21.63 -12.80
CA ALA A 56 0.20 -22.70 -11.87
C ALA A 56 -0.70 -22.73 -10.64
N LEU A 57 -1.77 -21.94 -10.61
CA LEU A 57 -2.60 -21.78 -9.43
C LEU A 57 -3.93 -22.50 -9.65
N VAL A 58 -3.95 -23.79 -9.34
CA VAL A 58 -5.20 -24.54 -9.37
C VAL A 58 -6.11 -24.09 -8.24
N ASP A 59 -5.56 -23.94 -7.04
CA ASP A 59 -6.28 -23.42 -5.90
C ASP A 59 -5.68 -22.05 -5.60
N ASP A 60 -6.52 -21.02 -5.56
CA ASP A 60 -6.08 -19.64 -5.42
C ASP A 60 -6.17 -19.11 -3.98
N THR A 61 -6.17 -20.00 -3.00
CA THR A 61 -6.18 -19.57 -1.61
C THR A 61 -5.07 -18.60 -1.25
N PRO A 62 -3.82 -18.77 -1.68
CA PRO A 62 -2.82 -17.72 -1.40
C PRO A 62 -3.17 -16.38 -1.99
N PHE A 63 -3.79 -16.36 -3.17
CA PHE A 63 -4.19 -15.10 -3.78
C PHE A 63 -5.23 -14.38 -2.93
N LYS A 64 -6.25 -15.11 -2.49
CA LYS A 64 -7.25 -14.52 -1.61
C LYS A 64 -6.63 -14.07 -0.30
N ALA A 65 -5.69 -14.85 0.23
CA ALA A 65 -5.05 -14.47 1.48
C ALA A 65 -4.26 -13.18 1.34
N SER A 66 -3.50 -13.04 0.25
CA SER A 66 -2.73 -11.82 0.04
C SER A 66 -3.65 -10.61 -0.16
N ARG A 67 -4.73 -10.78 -0.92
CA ARG A 67 -5.70 -9.71 -1.09
C ARG A 67 -6.34 -9.32 0.24
N THR A 68 -6.69 -10.31 1.06
CA THR A 68 -7.28 -10.00 2.36
C THR A 68 -6.29 -9.26 3.25
N LEU A 69 -5.01 -9.65 3.19
CA LEU A 69 -3.99 -8.94 3.95
C LEU A 69 -3.89 -7.49 3.50
N ALA A 70 -3.91 -7.27 2.19
CA ALA A 70 -3.83 -5.89 1.68
C ALA A 70 -5.01 -5.06 2.16
N SER A 71 -6.23 -5.60 2.03
CA SER A 71 -7.41 -4.86 2.46
C SER A 71 -7.38 -4.60 3.96
N GLY A 72 -6.97 -5.59 4.75
CA GLY A 72 -6.91 -5.40 6.19
C GLY A 72 -5.89 -4.34 6.59
N MET A 73 -4.72 -4.35 5.95
CA MET A 73 -3.72 -3.33 6.26
C MET A 73 -4.23 -1.94 5.88
N MET A 74 -4.88 -1.83 4.72
CA MET A 74 -5.49 -0.55 4.34
C MET A 74 -6.46 -0.07 5.40
N SER A 75 -7.40 -0.93 5.79
CA SER A 75 -8.43 -0.52 6.74
C SER A 75 -7.82 -0.19 8.09
N GLY A 76 -6.82 -0.94 8.51
CA GLY A 76 -6.21 -0.67 9.81
C GLY A 76 -5.46 0.65 9.86
N LEU A 77 -4.65 0.92 8.83
CA LEU A 77 -3.70 2.02 8.92
C LEU A 77 -4.16 3.29 8.20
N THR A 78 -4.45 3.19 6.90
CA THR A 78 -4.81 4.36 6.11
C THR A 78 -6.15 4.15 5.43
N SER A 79 -7.14 3.74 6.21
CA SER A 79 -8.47 3.54 5.69
C SER A 79 -9.01 4.84 5.10
N PRO A 80 -9.69 4.77 3.97
CA PRO A 80 -10.29 5.95 3.37
C PRO A 80 -11.44 6.55 4.16
N ALA A 81 -11.79 5.96 5.31
CA ALA A 81 -12.49 6.74 6.32
C ALA A 81 -11.54 7.82 6.81
N ARG A 82 -12.02 9.06 6.83
CA ARG A 82 -11.13 10.21 6.65
C ARG A 82 -9.94 10.25 7.61
N PRO A 83 -10.10 10.18 8.93
CA PRO A 83 -8.94 10.42 9.81
C PRO A 83 -7.99 9.25 9.86
N TRP A 84 -6.74 9.48 9.49
CA TRP A 84 -5.69 8.49 9.68
C TRP A 84 -4.38 9.11 10.13
N PHE A 85 -4.32 10.42 10.33
CA PHE A 85 -3.10 11.09 10.78
C PHE A 85 -3.43 12.46 11.33
N LYS A 86 -2.58 12.91 12.26
CA LYS A 86 -2.61 14.27 12.79
C LYS A 86 -1.20 14.84 12.75
N LEU A 87 -1.11 16.16 12.51
CA LEU A 87 0.14 16.85 12.27
C LEU A 87 0.63 17.57 13.53
N ALA A 88 1.96 17.52 13.74
CA ALA A 88 2.61 18.05 14.93
C ALA A 88 3.85 18.87 14.57
N ILE A 89 4.22 19.75 15.49
CA ILE A 89 5.44 20.55 15.36
C ILE A 89 6.27 20.38 16.63
N ASP A 90 7.59 20.33 16.46
CA ASP A 90 8.50 19.92 17.53
C ASP A 90 8.86 21.06 18.49
N ASN A 91 7.84 21.76 18.99
CA ASN A 91 8.00 22.66 20.13
C ASN A 91 6.63 22.90 20.74
N PRO A 92 6.39 22.37 21.94
CA PRO A 92 5.03 22.45 22.51
C PRO A 92 4.56 23.86 22.82
N GLU A 93 5.47 24.76 23.20
CA GLU A 93 5.04 26.11 23.56
C GLU A 93 4.44 26.84 22.37
N LEU A 94 5.03 26.66 21.18
CA LEU A 94 4.40 27.23 19.99
C LEU A 94 3.03 26.61 19.75
N MET A 95 2.90 25.30 19.97
CA MET A 95 1.60 24.65 19.85
C MET A 95 0.58 25.27 20.80
N GLU A 96 1.02 25.64 22.00
CA GLU A 96 0.09 26.25 22.96
C GLU A 96 -0.51 27.55 22.44
N SER A 97 0.15 28.21 21.48
CA SER A 97 -0.43 29.37 20.85
C SER A 97 -1.62 28.97 19.99
N ALA A 98 -2.70 29.76 20.08
CA ALA A 98 -3.92 29.41 19.35
C ALA A 98 -3.72 29.49 17.85
N ALA A 99 -2.91 30.44 17.39
CA ALA A 99 -2.69 30.60 15.95
C ALA A 99 -2.01 29.36 15.37
N VAL A 100 -1.02 28.82 16.08
CA VAL A 100 -0.31 27.64 15.59
C VAL A 100 -1.25 26.44 15.55
N LYS A 101 -2.07 26.27 16.59
CA LYS A 101 -3.03 25.17 16.61
C LYS A 101 -4.02 25.28 15.46
N GLN A 102 -4.55 26.49 15.23
CA GLN A 102 -5.51 26.68 14.16
C GLN A 102 -4.85 26.42 12.80
N TRP A 103 -3.61 26.86 12.63
CA TRP A 103 -2.90 26.59 11.38
C TRP A 103 -2.68 25.10 11.19
N LEU A 104 -2.36 24.38 12.28
CA LEU A 104 -2.18 22.94 12.18
C LEU A 104 -3.48 22.25 11.77
N TYR A 105 -4.60 22.66 12.35
CA TYR A 105 -5.88 22.06 11.94
C TYR A 105 -6.20 22.41 10.49
N LEU A 106 -5.89 23.64 10.08
CA LEU A 106 -6.14 24.05 8.71
C LEU A 106 -5.31 23.23 7.73
N VAL A 107 -4.03 23.02 8.03
CA VAL A 107 -3.20 22.22 7.13
C VAL A 107 -3.64 20.76 7.18
N THR A 108 -4.14 20.29 8.31
CA THR A 108 -4.72 18.96 8.36
C THR A 108 -5.88 18.83 7.37
N GLN A 109 -6.82 19.78 7.43
CA GLN A 109 -7.96 19.73 6.54
C GLN A 109 -7.55 19.82 5.08
N ARG A 110 -6.63 20.73 4.77
CA ARG A 110 -6.18 20.89 3.38
C ARG A 110 -5.47 19.64 2.88
N MET A 111 -4.54 19.12 3.68
CA MET A 111 -3.86 17.87 3.33
C MET A 111 -4.87 16.77 3.05
N GLN A 112 -5.82 16.59 3.96
CA GLN A 112 -6.72 15.46 3.86
C GLN A 112 -7.64 15.61 2.65
N SER A 113 -8.13 16.82 2.39
CA SER A 113 -8.97 17.05 1.23
C SER A 113 -8.20 16.83 -0.07
N VAL A 114 -6.95 17.32 -0.12
CA VAL A 114 -6.17 17.19 -1.34
C VAL A 114 -5.85 15.73 -1.63
N MET A 115 -5.41 15.00 -0.61
CA MET A 115 -5.15 13.57 -0.79
C MET A 115 -6.44 12.82 -1.09
N SER A 116 -7.58 13.33 -0.61
CA SER A 116 -8.87 12.77 -0.99
C SER A 116 -9.12 12.92 -2.48
N LYS A 117 -8.87 14.12 -3.01
CA LYS A 117 -9.13 14.37 -4.42
C LYS A 117 -8.20 13.56 -5.30
N SER A 118 -7.00 13.26 -4.81
CA SER A 118 -6.02 12.53 -5.60
C SER A 118 -6.35 11.04 -5.64
N ASN A 119 -5.64 10.33 -6.52
CA ASN A 119 -5.72 8.88 -6.60
C ASN A 119 -4.68 8.21 -5.74
N LEU A 120 -4.20 8.88 -4.70
CA LEU A 120 -3.12 8.32 -3.90
C LEU A 120 -3.57 7.06 -3.18
N TYR A 121 -4.84 6.99 -2.76
CA TYR A 121 -5.30 5.82 -2.02
C TYR A 121 -5.28 4.56 -2.88
N ASN A 122 -5.55 4.68 -4.18
CA ASN A 122 -5.46 3.53 -5.07
C ASN A 122 -4.05 2.96 -5.08
N GLN A 123 -3.06 3.83 -5.21
CA GLN A 123 -1.70 3.35 -5.26
C GLN A 123 -1.20 2.91 -3.90
N LEU A 124 -1.76 3.44 -2.80
CA LEU A 124 -1.50 2.85 -1.49
C LEU A 124 -2.04 1.42 -1.42
N HIS A 125 -3.24 1.19 -1.95
CA HIS A 125 -3.76 -0.17 -2.04
C HIS A 125 -2.80 -1.08 -2.79
N GLN A 126 -2.39 -0.64 -3.98
CA GLN A 126 -1.49 -1.47 -4.78
C GLN A 126 -0.16 -1.69 -4.07
N LEU A 127 0.36 -0.64 -3.43
CA LEU A 127 1.62 -0.75 -2.70
C LEU A 127 1.52 -1.77 -1.57
N TYR A 128 0.43 -1.71 -0.80
CA TYR A 128 0.27 -2.66 0.28
C TYR A 128 0.14 -4.08 -0.23
N GLY A 129 -0.65 -4.28 -1.29
CA GLY A 129 -0.80 -5.60 -1.84
C GLY A 129 0.52 -6.18 -2.32
N GLU A 130 1.27 -5.41 -3.10
CA GLU A 130 2.51 -5.92 -3.64
C GLU A 130 3.59 -6.03 -2.58
N LEU A 131 3.52 -5.22 -1.52
CA LEU A 131 4.48 -5.35 -0.44
C LEU A 131 4.21 -6.61 0.39
N GLY A 132 2.94 -6.90 0.65
CA GLY A 132 2.61 -8.14 1.33
C GLY A 132 2.98 -9.36 0.50
N THR A 133 2.80 -9.25 -0.82
CA THR A 133 3.08 -10.41 -1.67
C THR A 133 4.58 -10.60 -1.89
N PHE A 134 5.24 -9.63 -2.49
CA PHE A 134 6.62 -9.78 -2.93
C PHE A 134 7.64 -9.28 -1.91
N GLY A 135 7.20 -8.56 -0.87
CA GLY A 135 8.12 -8.09 0.14
C GLY A 135 8.80 -6.77 -0.13
N THR A 136 8.55 -6.15 -1.28
CA THR A 136 9.15 -4.86 -1.60
C THR A 136 8.32 -4.18 -2.67
N SER A 137 7.96 -2.91 -2.44
CA SER A 137 7.13 -2.18 -3.38
C SER A 137 7.43 -0.70 -3.27
N CYS A 138 7.03 0.05 -4.29
CA CYS A 138 7.32 1.47 -4.32
C CYS A 138 6.33 2.19 -5.23
N ILE A 139 6.02 3.44 -4.86
CA ILE A 139 5.26 4.36 -5.69
C ILE A 139 5.92 5.74 -5.62
N LEU A 140 5.62 6.57 -6.61
CA LEU A 140 6.16 7.91 -6.69
C LEU A 140 5.04 8.94 -6.65
N ILE A 141 5.36 10.12 -6.10
CA ILE A 141 4.41 11.22 -5.98
C ILE A 141 5.00 12.43 -6.69
N VAL A 142 4.24 13.02 -7.61
CA VAL A 142 4.70 14.14 -8.41
C VAL A 142 3.63 15.22 -8.51
N GLU A 143 4.05 16.44 -8.80
CA GLU A 143 3.07 17.53 -8.81
C GLU A 143 2.12 17.24 -9.95
N ASP A 144 1.03 17.98 -10.07
CA ASP A 144 0.15 17.79 -11.23
C ASP A 144 -0.76 19.00 -11.34
N LYS A 145 -1.42 19.16 -12.48
CA LYS A 145 -2.29 20.34 -12.67
C LYS A 145 -3.71 19.98 -12.26
N GLU A 146 -4.28 18.98 -12.90
CA GLU A 146 -5.69 18.61 -12.61
C GLU A 146 -5.81 18.21 -11.15
N ASP A 147 -4.68 17.98 -10.48
CA ASP A 147 -4.69 17.64 -9.04
C ASP A 147 -3.31 17.93 -8.46
N VAL A 148 -3.24 18.30 -7.20
CA VAL A 148 -1.91 18.70 -6.68
C VAL A 148 -0.98 17.49 -6.71
N ILE A 149 -1.32 16.44 -5.97
CA ILE A 149 -0.36 15.30 -5.86
C ILE A 149 -0.83 14.16 -6.74
N ARG A 150 0.06 13.65 -7.59
CA ARG A 150 -0.32 12.45 -8.40
C ARG A 150 0.55 11.27 -7.95
N ALA A 151 0.06 10.04 -8.10
CA ALA A 151 0.81 8.89 -7.60
C ALA A 151 1.21 8.01 -8.78
N ILE A 152 2.50 7.87 -9.00
CA ILE A 152 3.03 7.06 -10.09
C ILE A 152 3.16 5.62 -9.58
N PRO A 153 2.45 4.67 -10.17
CA PRO A 153 2.57 3.27 -9.75
C PRO A 153 3.58 2.50 -10.58
N MET A 154 4.32 1.63 -9.89
CA MET A 154 5.17 0.64 -10.54
C MET A 154 5.01 -0.70 -9.83
N THR A 155 5.07 -1.76 -10.61
CA THR A 155 4.96 -3.12 -10.09
C THR A 155 6.34 -3.74 -9.95
N VAL A 156 6.40 -4.84 -9.20
CA VAL A 156 7.68 -5.50 -8.95
C VAL A 156 8.23 -6.03 -10.26
N GLY A 157 9.52 -5.79 -10.48
CA GLY A 157 10.22 -6.23 -11.68
C GLY A 157 10.55 -5.11 -12.64
N THR A 158 9.72 -4.08 -12.69
CA THR A 158 9.95 -2.96 -13.60
C THR A 158 10.75 -1.83 -12.99
N TYR A 159 11.18 -1.97 -11.73
CA TYR A 159 11.96 -0.93 -11.07
C TYR A 159 13.14 -1.54 -10.36
N TYR A 160 14.14 -0.72 -10.10
CA TYR A 160 15.33 -1.12 -9.37
C TYR A 160 15.56 -0.17 -8.21
N LEU A 161 16.15 -0.69 -7.14
CA LEU A 161 16.30 0.07 -5.91
C LEU A 161 17.74 0.03 -5.43
N ALA A 162 18.12 1.07 -4.68
CA ALA A 162 19.38 1.11 -3.96
C ALA A 162 19.15 1.88 -2.67
N THR A 163 19.92 1.56 -1.65
CA THR A 163 19.73 2.14 -0.33
C THR A 163 20.89 3.07 0.04
N SER A 164 20.56 4.13 0.78
CA SER A 164 21.56 5.08 1.22
C SER A 164 22.30 4.52 2.43
N SER A 165 23.32 5.27 2.88
CA SER A 165 24.05 4.86 4.07
C SER A 165 23.17 4.86 5.30
N ARG A 166 22.06 5.60 5.27
CA ARG A 166 21.11 5.62 6.38
C ARG A 166 20.26 4.36 6.46
N GLY A 167 20.26 3.53 5.42
CA GLY A 167 19.36 2.40 5.35
C GLY A 167 18.06 2.68 4.63
N MET A 168 17.73 3.93 4.40
CA MET A 168 16.54 4.28 3.63
C MET A 168 16.80 4.09 2.14
N VAL A 169 15.73 3.84 1.40
CA VAL A 169 15.84 3.70 -0.05
C VAL A 169 15.94 5.09 -0.66
N ASP A 170 17.00 5.31 -1.46
CA ASP A 170 17.27 6.62 -2.01
C ASP A 170 17.44 6.67 -3.51
N THR A 171 17.79 5.56 -4.16
CA THR A 171 17.98 5.55 -5.60
C THR A 171 16.93 4.66 -6.24
N ILE A 172 16.27 5.18 -7.28
CA ILE A 172 15.18 4.47 -7.94
C ILE A 172 15.41 4.53 -9.44
N TYR A 173 15.44 3.36 -10.08
CA TYR A 173 15.47 3.24 -11.52
C TYR A 173 14.27 2.42 -11.96
N ARG A 174 13.72 2.74 -13.13
CA ARG A 174 12.60 1.98 -13.65
C ARG A 174 12.54 2.09 -15.16
N GLU A 175 11.98 1.08 -15.80
CA GLU A 175 11.72 1.07 -17.22
C GLU A 175 10.22 1.10 -17.46
N MET A 176 9.76 2.09 -18.21
CA MET A 176 8.35 2.23 -18.52
C MET A 176 8.18 2.33 -20.03
N ARG A 177 7.16 1.68 -20.56
CA ARG A 177 6.86 1.71 -21.98
C ARG A 177 5.72 2.70 -22.20
N LYS A 178 5.99 3.76 -22.95
CA LYS A 178 5.02 4.81 -23.20
C LYS A 178 4.85 5.01 -24.70
N THR A 179 3.69 5.52 -25.09
CA THR A 179 3.39 5.76 -26.49
C THR A 179 3.84 7.16 -26.90
N VAL A 180 3.93 7.37 -28.22
CA VAL A 180 4.40 8.63 -28.75
C VAL A 180 3.50 9.77 -28.27
N ARG A 181 2.19 9.55 -28.26
CA ARG A 181 1.27 10.58 -27.82
C ARG A 181 1.54 10.96 -26.37
N GLN A 182 1.80 9.97 -25.52
CA GLN A 182 2.13 10.26 -24.13
C GLN A 182 3.43 11.05 -24.03
N LEU A 183 4.42 10.71 -24.87
CA LEU A 183 5.68 11.45 -24.85
C LEU A 183 5.46 12.91 -25.20
N VAL A 184 4.73 13.18 -26.28
CA VAL A 184 4.50 14.57 -26.67
C VAL A 184 3.61 15.26 -25.66
N GLN A 185 2.78 14.51 -24.93
CA GLN A 185 1.90 15.12 -23.94
C GLN A 185 2.69 15.57 -22.72
N GLU A 186 3.63 14.74 -22.26
CA GLU A 186 4.26 15.01 -20.97
C GLU A 186 5.61 15.70 -21.08
N PHE A 187 6.38 15.45 -22.15
CA PHE A 187 7.66 16.14 -22.32
C PHE A 187 7.60 17.27 -23.33
N GLY A 188 6.73 17.19 -24.33
CA GLY A 188 6.83 18.13 -25.43
C GLY A 188 7.60 17.57 -26.59
N LEU A 189 7.18 17.94 -27.81
CA LEU A 189 7.75 17.34 -29.01
C LEU A 189 9.21 17.70 -29.17
N LYS A 190 9.59 18.95 -28.88
CA LYS A 190 10.94 19.41 -29.18
C LYS A 190 12.00 18.70 -28.36
N ASN A 191 11.64 18.06 -27.25
CA ASN A 191 12.61 17.36 -26.43
C ASN A 191 12.83 15.91 -26.88
N CYS A 192 12.04 15.41 -27.82
CA CYS A 192 12.16 14.01 -28.22
C CYS A 192 13.27 13.85 -29.27
N SER A 193 13.71 12.61 -29.43
CA SER A 193 14.75 12.28 -30.39
C SER A 193 14.19 12.29 -31.80
N ASN A 194 15.08 12.06 -32.78
CA ASN A 194 14.65 12.08 -34.18
C ASN A 194 13.65 10.98 -34.46
N SER A 195 13.82 9.82 -33.85
CA SER A 195 12.89 8.71 -34.09
C SER A 195 11.48 9.06 -33.61
N VAL A 196 11.38 9.56 -32.38
CA VAL A 196 10.06 9.91 -31.85
C VAL A 196 9.44 11.05 -32.65
N GLN A 197 10.26 12.03 -33.04
CA GLN A 197 9.75 13.14 -33.85
C GLN A 197 9.19 12.62 -35.16
N THR A 198 9.95 11.81 -35.89
CA THR A 198 9.50 11.36 -37.20
C THR A 198 8.33 10.39 -37.08
N MET A 199 8.21 9.67 -35.97
CA MET A 199 7.00 8.90 -35.75
C MET A 199 5.80 9.80 -35.51
N TYR A 200 6.01 10.92 -34.81
CA TYR A 200 4.92 11.86 -34.58
C TYR A 200 4.44 12.50 -35.88
N ASP A 201 5.38 12.93 -36.74
CA ASP A 201 4.97 13.54 -38.00
C ASP A 201 4.28 12.53 -38.91
N ASN A 202 4.57 11.24 -38.75
CA ASN A 202 3.86 10.21 -39.50
C ASN A 202 2.55 9.79 -38.81
N ASP A 203 2.19 10.47 -37.73
CA ASP A 203 0.96 10.15 -36.98
C ASP A 203 0.92 8.69 -36.56
N ASN A 204 2.06 8.18 -36.10
CA ASN A 204 2.11 6.87 -35.46
C ASN A 204 2.08 7.07 -33.95
N LEU A 205 0.92 7.55 -33.49
CA LEU A 205 0.79 7.99 -32.10
C LEU A 205 0.98 6.84 -31.12
N GLU A 206 0.42 5.68 -31.41
CA GLU A 206 0.32 4.60 -30.45
C GLU A 206 1.52 3.68 -30.45
N ALA A 207 2.56 3.99 -31.23
CA ALA A 207 3.77 3.18 -31.22
C ALA A 207 4.48 3.30 -29.87
N TRP A 208 4.98 2.18 -29.38
CA TRP A 208 5.64 2.12 -28.09
C TRP A 208 7.12 2.49 -28.22
N VAL A 209 7.69 2.94 -27.10
CA VAL A 209 9.11 3.28 -27.03
C VAL A 209 9.57 3.13 -25.59
N GLU A 210 10.73 2.51 -25.41
CA GLU A 210 11.31 2.33 -24.09
C GLU A 210 11.91 3.64 -23.59
N VAL A 211 11.59 4.00 -22.35
CA VAL A 211 12.16 5.16 -21.69
C VAL A 211 12.49 4.79 -20.25
N VAL A 212 13.67 5.17 -19.78
CA VAL A 212 14.12 4.86 -18.43
C VAL A 212 13.96 6.09 -17.57
N HIS A 213 13.23 5.94 -16.46
CA HIS A 213 13.02 7.01 -15.51
C HIS A 213 13.78 6.69 -14.23
N LEU A 214 14.52 7.67 -13.71
CA LEU A 214 15.48 7.44 -12.65
C LEU A 214 15.45 8.56 -11.62
N ILE A 215 15.50 8.18 -10.35
CA ILE A 215 15.59 9.11 -9.22
C ILE A 215 16.83 8.76 -8.41
N GLU A 216 17.70 9.73 -8.19
CA GLU A 216 18.85 9.54 -7.31
C GLU A 216 19.07 10.82 -6.52
N PRO A 217 19.78 10.74 -5.40
CA PRO A 217 20.20 11.96 -4.71
C PRO A 217 21.18 12.75 -5.55
N ASN A 218 21.19 14.05 -5.32
CA ASN A 218 22.09 14.96 -6.03
C ASN A 218 23.54 14.68 -5.68
N LYS A 231 18.77 21.04 -5.77
CA LYS A 231 17.80 20.19 -5.09
C LYS A 231 18.45 18.89 -4.65
N PRO A 232 18.03 18.38 -3.48
CA PRO A 232 18.67 17.16 -2.96
C PRO A 232 18.55 15.95 -3.88
N TYR A 233 17.46 15.83 -4.62
CA TYR A 233 17.25 14.70 -5.52
C TYR A 233 16.97 15.20 -6.93
N ARG A 234 17.63 14.60 -7.91
CA ARG A 234 17.45 14.96 -9.31
C ARG A 234 16.68 13.87 -10.04
N SER A 235 15.81 14.30 -10.95
CA SER A 235 15.01 13.39 -11.76
C SER A 235 15.50 13.45 -13.20
N VAL A 236 15.62 12.28 -13.83
CA VAL A 236 16.14 12.17 -15.19
C VAL A 236 15.29 11.19 -15.97
N TYR A 237 14.90 11.59 -17.19
CA TYR A 237 14.25 10.71 -18.15
C TYR A 237 15.09 10.67 -19.42
N TYR A 238 15.14 9.50 -20.06
CA TYR A 238 15.81 9.41 -21.36
C TYR A 238 15.36 8.14 -22.05
N GLU A 239 15.51 8.14 -23.38
CA GLU A 239 15.10 7.01 -24.22
C GLU A 239 16.28 6.06 -24.37
N SER A 240 16.13 4.85 -23.85
CA SER A 240 17.20 3.86 -23.97
C SER A 240 17.40 3.44 -25.42
N GLY A 241 16.31 3.28 -26.17
CA GLY A 241 16.43 2.83 -27.55
C GLY A 241 17.14 3.84 -28.43
N CYS A 242 16.81 5.13 -28.28
CA CYS A 242 17.43 6.19 -29.05
C CYS A 242 18.74 6.55 -28.36
N THR A 243 19.86 6.09 -28.93
CA THR A 243 21.17 6.26 -28.31
C THR A 243 21.68 7.69 -28.37
N GLU A 244 20.88 8.64 -28.87
CA GLU A 244 21.31 10.04 -28.88
C GLU A 244 21.53 10.54 -27.46
N ASP A 245 22.61 11.29 -27.27
CA ASP A 245 23.00 11.73 -25.94
C ASP A 245 22.08 12.78 -25.36
N LYS A 246 21.17 13.34 -26.16
CA LYS A 246 20.24 14.34 -25.64
C LYS A 246 19.30 13.71 -24.63
N LEU A 247 19.10 14.40 -23.50
CA LEU A 247 18.21 13.92 -22.46
C LEU A 247 16.77 14.19 -22.83
N LEU A 248 15.86 13.56 -22.09
CA LEU A 248 14.43 13.85 -22.26
C LEU A 248 14.02 15.00 -21.35
N ARG A 249 14.22 14.85 -20.05
CA ARG A 249 13.93 15.90 -19.10
C ARG A 249 14.72 15.66 -17.82
N GLU A 250 15.33 16.73 -17.30
CA GLU A 250 16.02 16.69 -16.02
C GLU A 250 15.43 17.75 -15.12
N SER A 251 15.26 17.39 -13.84
CA SER A 251 14.66 18.31 -12.87
C SER A 251 15.23 17.99 -11.49
N GLY A 252 14.67 18.61 -10.47
CA GLY A 252 15.14 18.41 -9.12
C GLY A 252 14.02 18.35 -8.08
N PHE A 253 14.21 17.51 -7.07
CA PHE A 253 13.23 17.32 -6.01
C PHE A 253 13.84 17.72 -4.68
N ASP A 254 13.03 18.33 -3.81
CA ASP A 254 13.50 18.74 -2.50
C ASP A 254 13.41 17.62 -1.47
N GLU A 255 12.37 16.82 -1.55
CA GLU A 255 12.21 15.65 -0.71
C GLU A 255 12.02 14.42 -1.58
N PHE A 256 12.46 13.29 -1.08
CA PHE A 256 12.49 12.07 -1.86
C PHE A 256 11.06 11.65 -2.19
N PRO A 257 10.71 11.51 -3.48
CA PRO A 257 9.32 11.21 -3.83
C PRO A 257 8.94 9.75 -3.67
N GLY A 258 9.91 8.85 -3.49
CA GLY A 258 9.65 7.43 -3.47
C GLY A 258 9.15 6.97 -2.11
N VAL A 259 8.13 6.12 -2.13
CA VAL A 259 7.59 5.48 -0.95
C VAL A 259 7.96 4.00 -1.06
N ALA A 260 9.00 3.57 -0.35
CA ALA A 260 9.61 2.26 -0.54
C ALA A 260 9.60 1.47 0.76
N PRO A 261 8.44 0.87 1.14
CA PRO A 261 8.39 0.03 2.34
C PRO A 261 8.88 -1.39 2.07
N ARG A 262 9.60 -2.00 3.02
CA ARG A 262 10.07 -3.40 2.86
C ARG A 262 9.63 -4.21 4.07
N TRP A 263 8.84 -5.26 3.85
CA TRP A 263 8.32 -6.10 4.96
C TRP A 263 9.41 -6.28 6.03
N GLU A 264 10.48 -7.00 5.67
CA GLU A 264 11.59 -7.26 6.63
C GLU A 264 12.92 -7.25 5.88
N VAL A 265 13.95 -6.61 6.43
CA VAL A 265 15.24 -6.58 5.77
C VAL A 265 16.25 -7.29 6.67
N LEU A 266 17.00 -8.22 6.08
CA LEU A 266 18.03 -8.93 6.84
C LEU A 266 19.07 -7.96 7.38
N GLY A 267 19.49 -7.01 6.55
CA GLY A 267 20.48 -6.03 6.94
C GLY A 267 21.36 -5.63 5.78
N ASP A 268 21.55 -4.32 5.61
CA ASP A 268 22.33 -3.77 4.50
C ASP A 268 21.86 -4.29 3.16
N ASP A 269 20.57 -4.60 3.04
CA ASP A 269 19.98 -5.08 1.80
C ASP A 269 19.02 -4.02 1.26
N VAL A 270 18.69 -4.17 -0.02
CA VAL A 270 17.85 -3.18 -0.69
C VAL A 270 16.45 -3.73 -0.92
N TYR A 271 16.30 -5.04 -0.89
CA TYR A 271 14.99 -5.68 -0.92
C TYR A 271 14.86 -6.62 0.26
N GLY A 272 13.63 -6.87 0.68
CA GLY A 272 13.37 -7.66 1.86
C GLY A 272 12.33 -8.74 1.60
N TYR A 273 12.51 -9.87 2.27
CA TYR A 273 11.59 -10.99 2.14
C TYR A 273 10.29 -10.71 2.87
N GLY A 274 9.19 -11.19 2.31
CA GLY A 274 7.89 -10.99 2.89
C GLY A 274 7.15 -12.31 3.10
N PRO A 275 5.88 -12.21 3.51
CA PRO A 275 5.09 -13.43 3.69
C PRO A 275 4.95 -14.26 2.44
N GLY A 276 5.03 -13.64 1.25
CA GLY A 276 5.03 -14.42 0.04
C GLY A 276 6.19 -15.39 -0.03
N HIS A 277 7.37 -14.96 0.41
CA HIS A 277 8.51 -15.85 0.42
C HIS A 277 8.27 -17.03 1.36
N ALA A 278 7.66 -16.77 2.52
CA ALA A 278 7.41 -17.85 3.47
C ALA A 278 6.33 -18.80 2.97
N ALA A 279 5.36 -18.29 2.22
CA ALA A 279 4.24 -19.10 1.77
C ALA A 279 4.44 -19.69 0.37
N LEU A 280 5.56 -19.39 -0.28
CA LEU A 280 5.79 -19.93 -1.61
C LEU A 280 5.79 -21.46 -1.61
N GLY A 281 6.57 -22.06 -0.71
CA GLY A 281 6.69 -23.49 -0.64
C GLY A 281 5.36 -24.19 -0.37
N PRO A 282 4.70 -23.81 0.72
CA PRO A 282 3.39 -24.41 1.00
C PRO A 282 2.39 -24.20 -0.12
N SER A 283 2.45 -23.08 -0.83
CA SER A 283 1.56 -22.88 -1.97
C SER A 283 1.82 -23.92 -3.05
N ARG A 284 3.09 -24.18 -3.37
CA ARG A 284 3.40 -25.18 -4.37
C ARG A 284 2.96 -26.57 -3.93
N SER A 285 3.21 -26.90 -2.66
CA SER A 285 2.79 -28.19 -2.14
C SER A 285 1.27 -28.33 -2.22
N LEU A 286 0.54 -27.26 -1.89
CA LEU A 286 -0.90 -27.31 -1.94
C LEU A 286 -1.41 -27.46 -3.36
N GLN A 287 -0.77 -26.78 -4.31
CA GLN A 287 -1.17 -26.94 -5.72
C GLN A 287 -0.99 -28.38 -6.17
N VAL A 288 0.15 -28.98 -5.82
CA VAL A 288 0.39 -30.37 -6.21
C VAL A 288 -0.63 -31.30 -5.56
N MET A 289 -0.93 -31.08 -4.28
CA MET A 289 -1.90 -31.90 -3.59
C MET A 289 -3.28 -31.78 -4.22
N GLN A 290 -3.68 -30.56 -4.57
CA GLN A 290 -4.97 -30.36 -5.21
C GLN A 290 -5.03 -31.08 -6.56
N LYS A 291 -3.94 -31.00 -7.33
CA LYS A 291 -3.91 -31.72 -8.60
C LYS A 291 -4.07 -33.21 -8.38
N LYS A 292 -3.35 -33.77 -7.41
CA LYS A 292 -3.43 -35.20 -7.15
C LYS A 292 -4.83 -35.61 -6.71
N LYS A 293 -5.44 -34.83 -5.82
CA LYS A 293 -6.80 -35.15 -5.37
C LYS A 293 -7.78 -35.08 -6.54
N ALA A 294 -7.63 -34.08 -7.40
CA ALA A 294 -8.52 -33.98 -8.55
C ALA A 294 -8.37 -35.19 -9.46
N GLN A 295 -7.13 -35.62 -9.69
CA GLN A 295 -6.91 -36.82 -10.50
C GLN A 295 -7.57 -38.03 -9.88
N ALA A 296 -7.45 -38.16 -8.56
CA ALA A 296 -8.04 -39.30 -7.86
C ALA A 296 -9.56 -39.29 -7.98
N VAL A 297 -10.18 -38.13 -7.80
CA VAL A 297 -11.63 -38.06 -7.89
C VAL A 297 -12.09 -38.34 -9.32
N GLU A 298 -11.32 -37.89 -10.32
CA GLU A 298 -11.69 -38.22 -11.69
C GLU A 298 -11.62 -39.73 -11.91
N LYS A 299 -10.59 -40.38 -11.38
CA LYS A 299 -10.55 -41.84 -11.45
C LYS A 299 -11.77 -42.45 -10.78
N GLN A 300 -12.22 -41.86 -9.67
CA GLN A 300 -13.34 -42.41 -8.93
C GLN A 300 -14.64 -42.32 -9.71
N ILE A 301 -14.97 -41.13 -10.22
CA ILE A 301 -16.31 -40.90 -10.76
C ILE A 301 -16.43 -41.19 -12.24
N ASN A 302 -15.32 -41.37 -12.95
CA ASN A 302 -15.41 -41.80 -14.33
C ASN A 302 -14.40 -42.91 -14.57
N PRO A 303 -14.56 -44.07 -13.93
CA PRO A 303 -13.54 -45.11 -14.04
C PRO A 303 -13.53 -45.71 -15.43
N PRO A 304 -12.38 -46.22 -15.88
CA PRO A 304 -12.35 -46.93 -17.16
C PRO A 304 -13.16 -48.21 -17.07
N MET A 305 -13.78 -48.57 -18.19
CA MET A 305 -14.78 -49.61 -18.22
C MET A 305 -14.24 -50.83 -18.96
N ASN A 306 -14.33 -52.00 -18.34
CA ASN A 306 -13.93 -53.25 -18.98
C ASN A 306 -15.17 -54.01 -19.45
N VAL A 307 -15.62 -53.66 -20.64
CA VAL A 307 -16.77 -54.32 -21.25
C VAL A 307 -16.33 -55.72 -21.66
N PRO A 308 -16.99 -56.77 -21.18
CA PRO A 308 -16.55 -58.13 -21.51
C PRO A 308 -16.92 -58.50 -22.93
N SER A 309 -16.18 -59.46 -23.47
CA SER A 309 -16.55 -60.04 -24.76
C SER A 309 -17.78 -60.91 -24.59
N SER A 310 -18.28 -61.43 -25.71
CA SER A 310 -19.48 -62.24 -25.75
C SER A 310 -20.69 -61.45 -25.24
N SER A 311 -20.52 -60.15 -25.06
CA SER A 311 -21.61 -59.26 -24.70
C SER A 311 -22.26 -58.63 -25.91
N LYS A 312 -21.65 -58.80 -27.09
CA LYS A 312 -22.15 -58.22 -28.33
C LYS A 312 -22.44 -56.74 -28.15
N SER A 313 -21.52 -56.02 -27.53
CA SER A 313 -21.73 -54.62 -27.17
C SER A 313 -21.42 -53.75 -28.37
N LYS A 314 -22.47 -53.31 -29.05
CA LYS A 314 -22.33 -52.30 -30.09
C LYS A 314 -21.88 -51.00 -29.43
N PRO A 315 -21.26 -50.08 -30.17
CA PRO A 315 -20.70 -48.88 -29.53
C PRO A 315 -21.69 -48.16 -28.62
N PHE A 316 -22.95 -48.09 -29.03
CA PHE A 316 -23.97 -47.39 -28.23
C PHE A 316 -24.76 -48.42 -27.42
N SER A 317 -24.04 -49.20 -26.63
CA SER A 317 -24.68 -50.18 -25.76
C SER A 317 -24.65 -49.78 -24.31
N LEU A 318 -23.72 -48.94 -23.89
CA LEU A 318 -23.63 -48.46 -22.52
C LEU A 318 -24.38 -47.15 -22.32
N LEU A 319 -25.08 -46.67 -23.34
CA LEU A 319 -25.90 -45.48 -23.19
C LEU A 319 -27.01 -45.74 -22.17
N PRO A 320 -27.34 -44.76 -21.35
CA PRO A 320 -28.44 -44.94 -20.40
C PRO A 320 -29.74 -45.23 -21.11
N GLY A 321 -30.54 -46.13 -20.53
CA GLY A 321 -31.82 -46.49 -21.08
C GLY A 321 -31.80 -47.55 -22.16
N SER A 322 -30.62 -48.00 -22.58
CA SER A 322 -30.53 -48.98 -23.63
C SER A 322 -30.70 -50.39 -23.09
N LEU A 323 -31.34 -51.24 -23.88
CA LEU A 323 -31.62 -52.61 -23.49
C LEU A 323 -30.82 -53.56 -24.36
N ASN A 324 -29.90 -54.27 -23.73
CA ASN A 324 -29.06 -55.23 -24.40
C ASN A 324 -29.55 -56.63 -24.09
N TYR A 325 -29.46 -57.47 -25.10
CA TYR A 325 -29.93 -58.84 -25.07
C TYR A 325 -28.77 -59.80 -25.29
N TYR A 326 -28.52 -60.67 -24.32
CA TYR A 326 -27.34 -61.52 -24.33
C TYR A 326 -27.76 -62.97 -24.16
N ASP A 327 -27.00 -63.87 -24.77
CA ASP A 327 -27.24 -65.30 -24.63
C ASP A 327 -27.10 -65.73 -23.18
N ALA A 328 -28.07 -66.51 -22.70
CA ALA A 328 -27.99 -67.05 -21.35
C ALA A 328 -27.16 -68.33 -21.28
N ALA A 329 -26.87 -68.95 -22.42
CA ALA A 329 -26.10 -70.19 -22.40
C ALA A 329 -24.68 -69.94 -21.92
N MET A 330 -24.00 -68.94 -22.48
CA MET A 330 -22.66 -68.60 -22.04
C MET A 330 -22.72 -67.99 -20.65
N GLY A 331 -22.19 -68.70 -19.67
CA GLY A 331 -22.28 -68.31 -18.28
C GLY A 331 -21.26 -67.30 -17.81
N GLY A 332 -20.51 -66.68 -18.73
CA GLY A 332 -19.51 -65.71 -18.35
C GLY A 332 -20.14 -64.44 -17.79
N GLN A 333 -19.28 -63.58 -17.25
CA GLN A 333 -19.74 -62.34 -16.64
C GLN A 333 -20.17 -61.36 -17.70
N GLN A 334 -21.44 -61.44 -18.13
CA GLN A 334 -21.95 -60.55 -19.17
C GLN A 334 -22.32 -59.20 -18.58
N MET A 335 -21.37 -58.54 -17.94
CA MET A 335 -21.65 -57.28 -17.25
C MET A 335 -20.34 -56.53 -17.07
N ALA A 336 -20.27 -55.31 -17.57
CA ALA A 336 -19.03 -54.56 -17.56
C ALA A 336 -18.61 -54.22 -16.13
N GLN A 337 -17.30 -54.14 -15.91
CA GLN A 337 -16.73 -53.89 -14.60
C GLN A 337 -15.66 -52.82 -14.68
N PRO A 338 -15.42 -52.10 -13.60
CA PRO A 338 -14.36 -51.07 -13.60
C PRO A 338 -12.99 -51.68 -13.85
N SER A 339 -12.14 -50.90 -14.53
CA SER A 339 -10.84 -51.41 -14.94
C SER A 339 -9.92 -51.65 -13.75
N GLN A 340 -9.99 -50.81 -12.73
CA GLN A 340 -9.05 -50.89 -11.62
C GLN A 340 -9.81 -50.84 -10.30
N SER A 341 -9.25 -51.51 -9.30
CA SER A 341 -9.82 -51.50 -7.95
C SER A 341 -9.20 -50.32 -7.21
N VAL A 342 -10.03 -49.33 -6.88
CA VAL A 342 -9.58 -48.15 -6.14
C VAL A 342 -10.41 -48.07 -4.87
N ASN A 343 -9.75 -48.25 -3.73
CA ASN A 343 -10.36 -48.15 -2.42
C ASN A 343 -9.85 -46.91 -1.68
N LEU A 344 -9.68 -45.84 -2.43
CA LEU A 344 -9.09 -44.62 -1.89
C LEU A 344 -10.01 -43.96 -0.87
N ASN A 345 -9.39 -43.27 0.09
CA ASN A 345 -10.11 -42.42 1.04
C ASN A 345 -9.66 -40.98 0.86
N LEU A 346 -10.61 -40.07 0.74
CA LEU A 346 -10.28 -38.66 0.59
C LEU A 346 -10.06 -37.96 1.91
N ASN A 347 -10.46 -38.57 3.03
CA ASN A 347 -10.33 -37.90 4.32
C ASN A 347 -8.88 -37.59 4.64
N SER A 348 -7.98 -38.54 4.38
CA SER A 348 -6.57 -38.36 4.72
C SER A 348 -5.95 -37.20 3.94
N ILE A 349 -6.11 -37.19 2.63
CA ILE A 349 -5.51 -36.14 1.82
C ILE A 349 -6.20 -34.80 2.08
N MET A 350 -7.52 -34.81 2.28
CA MET A 350 -8.23 -33.57 2.54
C MET A 350 -7.80 -32.96 3.87
N GLU A 351 -7.45 -33.79 4.85
CA GLU A 351 -6.93 -33.27 6.12
C GLU A 351 -5.68 -32.43 5.88
N ASP A 352 -4.72 -32.97 5.13
CA ASP A 352 -3.50 -32.23 4.83
C ASP A 352 -3.78 -31.02 3.96
N ILE A 353 -4.73 -31.12 3.04
CA ILE A 353 -5.07 -29.98 2.20
C ILE A 353 -5.61 -28.83 3.05
N VAL A 354 -6.53 -29.15 3.96
CA VAL A 354 -7.08 -28.12 4.83
C VAL A 354 -6.01 -27.56 5.75
N ALA A 355 -5.12 -28.42 6.24
CA ALA A 355 -4.04 -27.94 7.10
C ALA A 355 -3.14 -26.96 6.35
N HIS A 356 -2.79 -27.28 5.10
CA HIS A 356 -1.97 -26.38 4.31
C HIS A 356 -2.71 -25.08 4.01
N GLN A 357 -4.01 -25.17 3.73
CA GLN A 357 -4.78 -23.96 3.52
C GLN A 357 -4.75 -23.07 4.75
N THR A 358 -4.97 -23.66 5.92
CA THR A 358 -4.96 -22.88 7.16
C THR A 358 -3.58 -22.28 7.42
N SER A 359 -2.52 -23.04 7.15
CA SER A 359 -1.18 -22.51 7.33
C SER A 359 -0.92 -21.33 6.39
N ILE A 360 -1.39 -21.43 5.15
CA ILE A 360 -1.23 -20.32 4.22
C ILE A 360 -2.01 -19.10 4.69
N LYS A 361 -3.24 -19.30 5.17
CA LYS A 361 -4.01 -18.17 5.67
C LYS A 361 -3.31 -17.51 6.84
N GLU A 362 -2.80 -18.30 7.77
CA GLU A 362 -2.13 -17.74 8.94
C GLU A 362 -0.77 -17.17 8.58
N THR A 363 -0.23 -17.52 7.41
CA THR A 363 0.99 -16.87 6.94
C THR A 363 0.71 -15.43 6.52
N PHE A 364 -0.50 -15.16 6.02
CA PHE A 364 -0.89 -13.83 5.56
C PHE A 364 -1.77 -13.11 6.56
N TYR A 365 -1.86 -13.58 7.81
CA TYR A 365 -2.69 -12.97 8.83
C TYR A 365 -4.16 -12.94 8.43
N ALA A 366 -4.60 -13.93 7.65
CA ALA A 366 -5.99 -13.95 7.20
C ALA A 366 -6.96 -14.11 8.35
N ASP A 367 -6.54 -14.77 9.43
CA ASP A 367 -7.40 -14.90 10.60
C ASP A 367 -7.68 -13.55 11.23
N LEU A 368 -6.67 -12.68 11.28
CA LEU A 368 -6.83 -11.35 11.84
C LEU A 368 -7.51 -10.43 10.82
N VAL A 399 6.55 -4.34 11.61
CA VAL A 399 6.29 -4.29 10.18
C VAL A 399 5.05 -3.45 9.91
N VAL A 400 3.99 -3.70 10.67
CA VAL A 400 2.80 -2.85 10.59
C VAL A 400 3.16 -1.43 11.00
N GLU A 401 3.89 -1.29 12.11
CA GLU A 401 4.40 0.01 12.50
C GLU A 401 5.49 0.50 11.56
N ARG A 402 6.12 -0.40 10.80
CA ARG A 402 7.20 0.00 9.91
C ARG A 402 6.71 0.92 8.81
N LEU A 403 5.49 0.71 8.33
CA LEU A 403 4.96 1.54 7.27
C LEU A 403 4.81 3.00 7.71
N ASP A 404 4.85 3.27 9.01
CA ASP A 404 4.84 4.64 9.46
C ASP A 404 6.10 5.38 9.03
N THR A 405 7.26 4.72 9.10
CA THR A 405 8.52 5.42 8.92
C THR A 405 9.00 5.44 7.47
N GLU A 406 8.50 4.56 6.61
CA GLU A 406 8.93 4.58 5.22
C GLU A 406 7.76 4.61 4.25
N ALA A 407 6.64 4.02 4.62
CA ALA A 407 5.47 4.02 3.75
C ALA A 407 4.54 5.19 4.02
N LEU A 408 4.73 5.91 5.11
CA LEU A 408 3.93 7.09 5.41
C LEU A 408 4.78 8.31 5.72
N ASP A 409 5.93 8.14 6.38
CA ASP A 409 6.74 9.28 6.77
C ASP A 409 7.22 10.12 5.59
N PRO A 410 7.82 9.55 4.53
CA PRO A 410 8.18 10.39 3.38
C PRO A 410 7.03 10.66 2.44
N MET A 411 5.97 9.84 2.46
CA MET A 411 4.78 10.13 1.69
C MET A 411 4.14 11.43 2.15
N ILE A 412 4.03 11.61 3.48
CA ILE A 412 3.52 12.88 4.00
C ILE A 412 4.55 13.98 3.79
N ASP A 413 5.83 13.68 3.98
CA ASP A 413 6.85 14.69 3.75
C ASP A 413 6.88 15.12 2.29
N ARG A 414 6.69 14.17 1.36
CA ARG A 414 6.66 14.54 -0.05
C ARG A 414 5.45 15.38 -0.38
N VAL A 415 4.28 14.95 0.05
CA VAL A 415 3.08 15.74 -0.20
C VAL A 415 3.13 17.06 0.56
N PHE A 416 4.02 17.17 1.55
CA PHE A 416 4.04 18.36 2.39
C PHE A 416 4.54 19.55 1.58
N GLY A 417 5.69 19.40 0.92
CA GLY A 417 6.28 20.52 0.23
C GLY A 417 5.59 20.84 -1.09
N ILE A 418 4.99 19.81 -1.70
CA ILE A 418 4.29 19.99 -3.00
C ILE A 418 3.14 21.00 -2.82
N MET A 419 2.21 20.70 -1.91
CA MET A 419 1.07 21.62 -1.66
C MET A 419 1.63 23.00 -1.27
N MET A 420 2.68 23.01 -0.45
CA MET A 420 3.33 24.29 -0.05
C MET A 420 3.88 24.98 -1.29
N ARG A 421 4.53 24.20 -2.17
CA ARG A 421 5.08 24.77 -3.43
C ARG A 421 3.92 25.38 -4.24
N GLY A 422 2.76 24.72 -4.23
CA GLY A 422 1.58 25.24 -4.95
C GLY A 422 0.81 26.22 -4.10
N GLY A 423 1.32 26.53 -2.90
CA GLY A 423 0.64 27.48 -1.99
C GLY A 423 -0.75 27.00 -1.62
N HIS A 424 -0.95 25.69 -1.61
CA HIS A 424 -2.27 25.10 -1.26
C HIS A 424 -2.52 25.29 0.25
N LEU A 425 -1.48 25.70 0.99
CA LEU A 425 -1.63 25.94 2.45
C LEU A 425 -1.52 27.44 2.73
N PRO A 426 -2.34 28.02 3.63
CA PRO A 426 -2.20 29.43 3.99
C PRO A 426 -0.83 29.61 4.66
N PRO A 427 -0.20 30.80 4.64
CA PRO A 427 1.15 30.95 5.20
C PRO A 427 1.13 30.69 6.69
N PRO A 428 2.17 30.05 7.22
CA PRO A 428 2.20 29.71 8.64
C PRO A 428 2.42 30.94 9.50
N PRO A 429 2.08 30.87 10.78
CA PRO A 429 2.43 31.98 11.69
C PRO A 429 3.93 32.15 11.77
N GLU A 430 4.36 33.38 12.03
CA GLU A 430 5.79 33.69 12.09
C GLU A 430 6.49 33.02 13.26
N GLU A 431 5.75 32.43 14.21
CA GLU A 431 6.36 31.62 15.24
C GLU A 431 7.13 30.44 14.66
N ILE A 432 6.80 30.03 13.44
CA ILE A 432 7.47 28.93 12.76
C ILE A 432 7.84 29.39 11.35
N GLN A 433 9.04 29.01 10.89
CA GLN A 433 9.55 29.42 9.59
C GLN A 433 10.02 28.19 8.82
N GLY A 434 9.21 27.75 7.86
CA GLY A 434 9.59 26.65 6.98
C GLY A 434 9.92 25.37 7.70
N VAL A 435 9.35 25.16 8.88
CA VAL A 435 9.69 23.99 9.69
C VAL A 435 9.17 22.74 8.99
N ASP A 436 10.03 21.74 8.86
CA ASP A 436 9.62 20.43 8.35
C ASP A 436 8.79 19.75 9.43
N LEU A 437 7.48 19.86 9.29
CA LEU A 437 6.53 19.47 10.33
C LEU A 437 6.53 17.96 10.53
N ASN A 438 6.22 17.55 11.76
CA ASN A 438 6.19 16.15 12.16
C ASN A 438 4.75 15.62 12.12
N VAL A 439 4.64 14.30 12.02
CA VAL A 439 3.36 13.64 11.82
C VAL A 439 3.08 12.67 12.96
N GLN A 440 1.84 12.68 13.44
CA GLN A 440 1.35 11.71 14.41
C GLN A 440 0.27 10.87 13.75
N TYR A 441 0.41 9.55 13.82
CA TYR A 441 -0.46 8.63 13.09
C TYR A 441 -1.52 8.08 14.05
N ILE A 442 -2.72 8.66 13.97
CA ILE A 442 -3.79 8.35 14.92
C ILE A 442 -4.17 6.88 14.82
N SER A 443 -3.94 6.26 13.67
CA SER A 443 -4.35 4.87 13.50
C SER A 443 -3.68 3.98 14.53
N VAL A 444 -2.37 3.76 14.38
CA VAL A 444 -1.54 3.29 15.49
C VAL A 444 -0.22 4.06 15.46
N MET A 445 -0.18 5.20 16.15
CA MET A 445 1.08 5.80 16.58
C MET A 445 0.83 7.03 17.43
N ALA A 446 1.54 7.17 18.54
CA ALA A 446 1.52 8.37 19.36
C ALA A 446 0.10 8.87 19.62
N GLN A 447 -0.81 7.95 19.90
CA GLN A 447 -2.23 8.26 19.94
C GLN A 447 -2.90 7.81 21.23
N ALA A 448 -2.44 6.72 21.84
CA ALA A 448 -3.13 6.17 22.99
C ALA A 448 -2.99 7.04 24.24
N GLN A 449 -1.82 7.64 24.44
CA GLN A 449 -1.60 8.47 25.63
C GLN A 449 -2.55 9.66 25.62
N LYS A 450 -2.91 10.15 24.45
CA LYS A 450 -3.96 11.16 24.36
C LYS A 450 -5.24 10.63 25.00
N LEU A 451 -5.62 9.40 24.66
CA LEU A 451 -6.73 8.75 25.32
C LEU A 451 -6.40 8.42 26.77
N VAL A 452 -5.17 7.97 27.01
CA VAL A 452 -4.72 7.64 28.37
C VAL A 452 -4.71 8.91 29.20
N GLY A 453 -4.21 10.01 28.61
CA GLY A 453 -4.27 11.29 29.29
C GLY A 453 -5.68 11.68 29.67
N ILE A 454 -6.64 11.41 28.78
CA ILE A 454 -8.04 11.63 29.11
C ILE A 454 -8.44 10.80 30.33
N GLY A 455 -8.02 9.52 30.35
CA GLY A 455 -8.32 8.69 31.50
C GLY A 455 -7.71 9.22 32.77
N ALA A 456 -6.45 9.68 32.71
CA ALA A 456 -5.85 10.32 33.87
C ALA A 456 -6.59 11.61 34.24
N ILE A 457 -6.95 12.42 33.23
CA ILE A 457 -7.69 13.65 33.50
C ILE A 457 -9.06 13.33 34.09
N GLU A 458 -9.74 12.33 33.54
CA GLU A 458 -11.07 11.98 34.03
C GLU A 458 -11.02 11.55 35.49
N ARG A 459 -10.02 10.73 35.85
CA ARG A 459 -9.88 10.33 37.25
C ARG A 459 -9.51 11.52 38.13
N ILE A 460 -8.60 12.38 37.66
CA ILE A 460 -8.29 13.60 38.39
C ILE A 460 -9.50 14.51 38.49
N THR A 461 -10.20 14.74 37.38
CA THR A 461 -11.39 15.58 37.44
C THR A 461 -12.45 14.96 38.33
N SER A 462 -12.61 13.63 38.27
CA SER A 462 -13.51 12.96 39.19
C SER A 462 -13.06 13.15 40.63
N PHE A 463 -11.74 13.08 40.87
CA PHE A 463 -11.23 13.28 42.22
C PHE A 463 -11.64 14.64 42.76
N VAL A 464 -11.37 15.70 42.01
CA VAL A 464 -11.82 17.02 42.44
C VAL A 464 -13.34 17.09 42.45
N GLY A 465 -13.99 16.40 41.51
CA GLY A 465 -15.44 16.40 41.47
C GLY A 465 -16.09 15.69 42.64
N ASN A 466 -15.51 14.56 43.06
CA ASN A 466 -16.15 13.76 44.11
C ASN A 466 -16.12 14.45 45.46
N LEU A 467 -14.95 14.95 45.87
CA LEU A 467 -14.90 15.71 47.12
C LEU A 467 -15.45 17.11 46.99
N ALA A 468 -15.87 17.53 45.79
CA ALA A 468 -16.64 18.77 45.68
C ALA A 468 -17.95 18.66 46.44
N GLY A 469 -18.49 17.46 46.57
CA GLY A 469 -19.68 17.24 47.37
C GLY A 469 -19.42 17.11 48.85
N ALA A 470 -18.16 17.25 49.27
CA ALA A 470 -17.82 17.18 50.68
C ALA A 470 -17.11 18.45 51.13
N ASP A 471 -16.44 19.13 50.19
CA ASP A 471 -15.74 20.36 50.49
C ASP A 471 -15.63 21.22 49.24
N PRO A 472 -16.28 22.39 49.21
CA PRO A 472 -16.10 23.30 48.07
C PRO A 472 -14.67 23.76 47.88
N SER A 473 -13.90 23.87 48.97
CA SER A 473 -12.52 24.32 48.86
C SER A 473 -11.63 23.32 48.14
N ALA A 474 -12.13 22.11 47.93
CA ALA A 474 -11.35 21.07 47.22
C ALA A 474 -11.25 21.42 45.73
N LEU A 475 -12.25 22.16 45.22
CA LEU A 475 -12.26 22.55 43.79
C LEU A 475 -11.18 23.61 43.53
N ASP A 476 -10.61 24.17 44.60
CA ASP A 476 -9.57 25.22 44.46
C ASP A 476 -8.43 24.66 43.60
N LYS A 477 -8.05 23.40 43.83
CA LYS A 477 -6.98 22.76 43.02
C LYS A 477 -7.60 22.16 41.76
N LEU A 478 -7.96 23.00 40.79
CA LEU A 478 -8.61 22.52 39.54
C LEU A 478 -7.81 22.99 38.32
N ASN A 479 -7.23 24.19 38.38
CA ASN A 479 -6.51 24.73 37.20
C ASN A 479 -7.43 24.62 35.98
N ILE A 480 -8.72 24.88 36.17
CA ILE A 480 -9.72 24.72 35.07
C ILE A 480 -9.18 25.38 33.80
N ASP A 481 -8.79 26.65 33.87
CA ASP A 481 -8.36 27.35 32.65
C ASP A 481 -7.29 26.55 31.90
N GLN A 482 -6.52 25.74 32.61
CA GLN A 482 -5.50 24.91 32.00
C GLN A 482 -5.98 23.51 31.69
N ALA A 483 -6.93 22.99 32.48
CA ALA A 483 -7.40 21.63 32.27
C ALA A 483 -8.04 21.46 30.90
N ILE A 484 -8.60 22.53 30.35
CA ILE A 484 -9.19 22.45 29.02
C ILE A 484 -8.10 22.23 27.97
N ASP A 485 -6.94 22.86 28.16
CA ASP A 485 -5.86 22.75 27.18
C ASP A 485 -5.36 21.32 27.06
N GLN A 486 -5.14 20.67 28.21
CA GLN A 486 -4.61 19.28 28.22
C GLN A 486 -5.60 18.36 27.48
N TYR A 487 -6.86 18.37 27.91
CA TYR A 487 -7.89 17.51 27.27
C TYR A 487 -7.96 17.84 25.77
N SER A 488 -7.93 19.15 25.44
CA SER A 488 -8.02 19.58 24.02
C SER A 488 -6.91 18.90 23.20
N ASN A 489 -5.63 19.15 23.56
CA ASN A 489 -4.53 18.60 22.79
C ASN A 489 -4.64 17.09 22.61
N SER A 490 -5.43 16.42 23.45
CA SER A 490 -5.54 14.97 23.40
C SER A 490 -6.65 14.50 22.46
N VAL A 491 -7.85 15.08 22.59
CA VAL A 491 -9.00 14.60 21.84
C VAL A 491 -8.93 14.93 20.36
N SER A 492 -7.98 15.76 19.94
CA SER A 492 -7.85 16.20 18.55
C SER A 492 -9.14 16.88 18.08
N ALA A 493 -9.45 18.00 18.72
CA ALA A 493 -10.58 18.84 18.38
C ALA A 493 -10.10 20.14 17.75
N PRO A 494 -10.94 20.78 16.93
CA PRO A 494 -10.55 22.06 16.32
C PRO A 494 -10.22 23.10 17.38
N PRO A 495 -9.13 23.84 17.20
CA PRO A 495 -8.69 24.77 18.26
C PRO A 495 -9.64 25.93 18.47
N ASP A 496 -10.48 26.26 17.48
CA ASP A 496 -11.43 27.35 17.64
C ASP A 496 -12.46 27.06 18.74
N ILE A 497 -12.57 25.80 19.17
CA ILE A 497 -13.43 25.46 20.28
C ILE A 497 -12.95 26.16 21.55
N ILE A 498 -11.64 26.19 21.76
CA ILE A 498 -11.04 26.62 23.00
C ILE A 498 -10.69 28.10 22.89
N ARG A 499 -11.28 28.92 23.76
CA ARG A 499 -11.00 30.34 23.76
C ARG A 499 -9.58 30.62 24.23
N THR A 500 -9.02 31.72 23.73
CA THR A 500 -7.66 32.10 24.09
C THR A 500 -7.60 32.63 25.52
N ASP A 501 -6.37 32.83 26.00
CA ASP A 501 -6.18 33.33 27.34
C ASP A 501 -6.76 34.74 27.50
N ASP A 502 -6.59 35.60 26.50
CA ASP A 502 -7.13 36.95 26.57
C ASP A 502 -8.65 36.95 26.64
N GLU A 503 -9.30 36.08 25.86
CA GLU A 503 -10.75 36.08 25.82
C GLU A 503 -11.36 35.72 27.17
N VAL A 504 -10.78 34.71 27.84
CA VAL A 504 -11.29 34.32 29.15
C VAL A 504 -11.10 35.44 30.17
N ALA A 505 -9.93 36.07 30.15
CA ALA A 505 -9.67 37.16 31.10
C ALA A 505 -10.63 38.32 30.87
N GLU A 506 -10.90 38.65 29.60
CA GLU A 506 -11.78 39.78 29.31
C GLU A 506 -13.19 39.54 29.83
N ILE A 507 -13.74 38.35 29.58
CA ILE A 507 -15.08 38.05 30.05
C ILE A 507 -15.13 38.02 31.57
N ARG A 508 -14.14 37.41 32.21
CA ARG A 508 -14.09 37.40 33.66
C ARG A 508 -13.91 38.82 34.20
N GLN A 509 -13.08 39.62 33.54
CA GLN A 509 -12.93 41.01 33.95
C GLN A 509 -14.24 41.77 33.79
N ALA A 510 -14.94 41.54 32.68
CA ALA A 510 -16.25 42.17 32.49
C ALA A 510 -17.26 41.66 33.50
N ARG A 511 -17.22 40.36 33.81
CA ARG A 511 -18.17 39.80 34.77
C ARG A 511 -17.99 40.42 36.15
N ALA A 512 -16.75 40.56 36.59
CA ALA A 512 -16.50 41.17 37.90
C ALA A 512 -16.94 42.63 37.92
N GLN A 513 -16.64 43.38 36.85
CA GLN A 513 -17.09 44.77 36.78
C GLN A 513 -18.61 44.86 36.74
N GLN A 514 -19.25 43.94 36.03
CA GLN A 514 -20.71 43.92 36.00
C GLN A 514 -21.29 43.64 37.38
N GLN A 515 -20.68 42.72 38.13
CA GLN A 515 -21.18 42.40 39.46
C GLN A 515 -20.86 43.50 40.45
N GLN A 516 -19.64 44.05 40.40
CA GLN A 516 -19.23 45.04 41.39
C GLN A 516 -20.07 46.30 41.30
N GLN A 517 -20.41 46.72 40.07
CA GLN A 517 -21.09 47.99 39.88
C GLN A 517 -22.46 47.98 40.56
N ALA A 518 -23.20 46.88 40.41
CA ALA A 518 -24.52 46.79 41.04
C ALA A 518 -24.41 46.58 42.54
N GLN A 519 -23.44 45.77 42.98
CA GLN A 519 -23.27 45.53 44.40
C GLN A 519 -22.87 46.82 45.13
N ALA A 520 -22.05 47.65 44.48
CA ALA A 520 -21.60 48.89 45.12
C ALA A 520 -22.77 49.84 45.39
N MET A 521 -23.75 49.88 44.49
CA MET A 521 -24.95 50.68 44.75
C MET A 521 -25.83 50.05 45.81
N GLU A 522 -25.83 48.71 45.89
CA GLU A 522 -26.53 48.06 46.99
C GLU A 522 -25.90 48.41 48.33
N MET A 523 -24.57 48.53 48.36
CA MET A 523 -23.89 49.20 49.47
C MET A 523 -24.50 50.57 49.78
#